data_3PN9
#
_entry.id   3PN9
#
_cell.length_a   118.073
_cell.length_b   118.073
_cell.length_c   185.348
_cell.angle_alpha   90.00
_cell.angle_beta   90.00
_cell.angle_gamma   90.00
#
_symmetry.space_group_name_H-M   'P 41 21 2'
#
loop_
_entity.id
_entity.type
_entity.pdbx_description
1 polymer 'Proline dipeptidase'
2 non-polymer 'SULFATE ION'
3 water water
#
_entity_poly.entity_id   1
_entity_poly.type   'polypeptide(L)'
_entity_poly.pdbx_seq_one_letter_code
;SNA(MSE)SKLQQILTYLESEKLDVAVVSDPVTINYLTGFYSDPHERQ(MSE)FLFVLADQEPLLFVPALEVERASSTVS
FPVVGYVDSENPWQKIKHALPQLDFKRVAVEFDNLILTKYHGLKTVFETAEFDNLTPRIQR(MSE)RLIK
;
_entity_poly.pdbx_strand_id   A,B,C,D
#
# COMPACT_ATOMS: atom_id res chain seq x y z
N SER A 1 -17.93 10.23 -2.04
CA SER A 1 -18.24 9.29 -1.00
C SER A 1 -16.88 8.74 -0.38
N ASN A 2 -16.98 7.92 0.65
CA ASN A 2 -15.67 7.34 1.22
C ASN A 2 -15.29 5.90 0.53
N ALA A 3 -16.00 5.54 -0.55
CA ALA A 3 -15.64 4.21 -1.16
C ALA A 3 -14.40 4.45 -2.16
N SER A 5 -12.45 4.35 -5.41
CA SER A 5 -12.87 4.02 -6.78
C SER A 5 -12.24 2.69 -7.24
N LYS A 6 -12.89 2.06 -8.21
CA LYS A 6 -12.38 0.76 -8.69
C LYS A 6 -10.98 0.94 -9.31
N LEU A 7 -10.78 2.01 -10.05
CA LEU A 7 -9.44 2.15 -10.71
C LEU A 7 -8.41 2.36 -9.60
N GLN A 8 -8.70 3.22 -8.62
CA GLN A 8 -7.68 3.41 -7.60
C GLN A 8 -7.42 2.12 -6.76
N GLN A 9 -8.47 1.30 -6.55
CA GLN A 9 -8.25 0.01 -5.85
C GLN A 9 -7.31 -0.86 -6.70
N ILE A 10 -7.48 -0.88 -8.05
CA ILE A 10 -6.49 -1.70 -8.81
C ILE A 10 -5.13 -1.07 -8.71
N LEU A 11 -5.02 0.28 -8.74
CA LEU A 11 -3.62 0.83 -8.54
C LEU A 11 -3.00 0.39 -7.27
N THR A 12 -3.82 0.40 -6.21
CA THR A 12 -3.29 0.04 -4.90
C THR A 12 -2.82 -1.41 -4.94
N TYR A 13 -3.63 -2.25 -5.57
CA TYR A 13 -3.33 -3.69 -5.67
C TYR A 13 -2.02 -3.95 -6.49
N LEU A 14 -1.80 -3.15 -7.57
CA LEU A 14 -0.59 -3.32 -8.38
C LEU A 14 0.61 -3.06 -7.46
N GLU A 15 0.52 -2.02 -6.63
CA GLU A 15 1.67 -1.77 -5.77
C GLU A 15 1.88 -2.92 -4.73
N SER A 16 0.83 -3.41 -4.09
CA SER A 16 1.10 -4.37 -2.99
C SER A 16 1.46 -5.75 -3.62
N GLU A 17 1.03 -6.05 -4.86
CA GLU A 17 1.46 -7.30 -5.50
C GLU A 17 2.72 -7.20 -6.39
N LYS A 18 3.32 -6.03 -6.43
CA LYS A 18 4.53 -5.77 -7.20
C LYS A 18 4.26 -6.05 -8.70
N LEU A 19 3.11 -5.57 -9.21
CA LEU A 19 2.76 -5.80 -10.59
C LEU A 19 3.09 -4.54 -11.36
N ASP A 20 3.52 -4.66 -12.62
CA ASP A 20 3.74 -3.46 -13.46
C ASP A 20 2.43 -3.07 -14.23
N VAL A 21 1.53 -4.04 -14.50
CA VAL A 21 0.34 -3.68 -15.17
C VAL A 21 -0.71 -4.78 -14.99
N ALA A 22 -1.95 -4.35 -15.03
CA ALA A 22 -3.06 -5.34 -15.10
C ALA A 22 -3.74 -5.19 -16.47
N VAL A 23 -4.04 -6.31 -17.09
CA VAL A 23 -4.58 -6.30 -18.40
C VAL A 23 -5.99 -6.89 -18.25
N VAL A 24 -6.98 -6.08 -18.56
CA VAL A 24 -8.36 -6.49 -18.46
C VAL A 24 -8.85 -6.75 -19.88
N SER A 25 -9.32 -7.95 -20.12
CA SER A 25 -9.65 -8.41 -21.47
C SER A 25 -11.15 -8.68 -21.55
N ASP A 26 -11.81 -8.81 -20.40
CA ASP A 26 -13.27 -9.25 -20.44
C ASP A 26 -14.13 -7.97 -20.60
N PRO A 27 -14.94 -7.82 -21.69
CA PRO A 27 -15.70 -6.60 -21.90
C PRO A 27 -16.62 -6.28 -20.67
N VAL A 28 -17.08 -7.33 -20.02
CA VAL A 28 -17.89 -7.16 -18.77
C VAL A 28 -17.04 -6.53 -17.69
N THR A 29 -15.79 -6.95 -17.50
CA THR A 29 -14.98 -6.32 -16.49
C THR A 29 -14.61 -4.92 -16.88
N ILE A 30 -14.28 -4.72 -18.18
CA ILE A 30 -13.96 -3.39 -18.57
C ILE A 30 -15.13 -2.42 -18.29
N ASN A 31 -16.34 -2.87 -18.62
CA ASN A 31 -17.49 -2.00 -18.34
C ASN A 31 -17.70 -1.74 -16.83
N TYR A 32 -17.50 -2.80 -16.06
CA TYR A 32 -17.54 -2.68 -14.55
C TYR A 32 -16.55 -1.60 -14.01
N LEU A 33 -15.29 -1.59 -14.55
CA LEU A 33 -14.30 -0.66 -14.10
C LEU A 33 -14.47 0.71 -14.74
N THR A 34 -15.07 0.86 -15.91
CA THR A 34 -14.94 2.18 -16.60
C THR A 34 -16.24 2.72 -17.05
N GLY A 35 -17.29 1.91 -17.06
CA GLY A 35 -18.57 2.32 -17.61
C GLY A 35 -18.58 2.33 -19.17
N PHE A 36 -17.52 1.81 -19.82
CA PHE A 36 -17.51 1.67 -21.29
C PHE A 36 -17.79 0.20 -21.63
N TYR A 37 -18.93 -0.05 -22.30
CA TYR A 37 -19.27 -1.39 -22.75
C TYR A 37 -19.13 -1.51 -24.31
N SER A 38 -18.45 -2.55 -24.81
CA SER A 38 -18.46 -2.85 -26.25
C SER A 38 -18.25 -4.34 -26.45
N ASP A 39 -18.95 -4.96 -27.39
CA ASP A 39 -18.62 -6.32 -27.69
C ASP A 39 -17.70 -6.26 -28.93
N PRO A 40 -16.40 -6.50 -28.81
CA PRO A 40 -15.53 -6.30 -30.02
C PRO A 40 -15.56 -7.53 -30.98
N HIS A 41 -16.33 -8.55 -30.63
CA HIS A 41 -16.33 -9.87 -31.31
C HIS A 41 -14.96 -10.44 -31.55
N GLU A 42 -14.48 -10.46 -32.80
CA GLU A 42 -13.12 -10.97 -33.00
C GLU A 42 -11.98 -9.93 -32.84
N ARG A 43 -12.25 -8.64 -32.74
CA ARG A 43 -11.20 -7.65 -32.69
C ARG A 43 -10.67 -7.50 -31.25
N GLN A 44 -9.50 -6.92 -31.08
CA GLN A 44 -8.86 -6.78 -29.78
C GLN A 44 -9.38 -5.55 -29.03
N PHE A 46 -8.49 -4.09 -24.91
CA PHE A 46 -7.96 -4.33 -23.58
C PHE A 46 -7.99 -3.03 -22.83
N LEU A 47 -8.21 -3.13 -21.50
CA LEU A 47 -7.88 -1.94 -20.64
C LEU A 47 -6.53 -2.28 -19.94
N PHE A 48 -5.53 -1.41 -20.08
CA PHE A 48 -4.29 -1.66 -19.42
C PHE A 48 -4.22 -0.71 -18.20
N VAL A 49 -4.19 -1.27 -17.00
CA VAL A 49 -4.07 -0.37 -15.80
C VAL A 49 -2.61 -0.49 -15.42
N LEU A 50 -1.89 0.59 -15.62
CA LEU A 50 -0.48 0.62 -15.38
C LEU A 50 -0.24 1.04 -13.91
N ALA A 51 0.93 0.68 -13.34
CA ALA A 51 1.13 0.86 -11.90
C ALA A 51 1.27 2.34 -11.60
N ASP A 52 1.94 3.07 -12.49
CA ASP A 52 2.36 4.42 -12.10
C ASP A 52 1.98 5.50 -13.06
N GLN A 53 0.99 5.25 -13.91
CA GLN A 53 0.53 6.36 -14.71
C GLN A 53 -0.88 6.06 -15.08
N GLU A 54 -1.55 6.94 -15.79
CA GLU A 54 -2.99 6.74 -16.10
C GLU A 54 -3.18 5.48 -16.96
N PRO A 55 -4.41 4.91 -16.97
CA PRO A 55 -4.56 3.65 -17.73
C PRO A 55 -4.60 3.97 -19.29
N LEU A 56 -4.61 2.92 -20.10
CA LEU A 56 -4.78 3.09 -21.56
C LEU A 56 -5.91 2.17 -21.94
N LEU A 57 -6.92 2.69 -22.61
CA LEU A 57 -7.94 1.79 -23.09
C LEU A 57 -7.63 1.57 -24.61
N PHE A 58 -7.50 0.30 -25.01
CA PHE A 58 -7.15 -0.01 -26.44
C PHE A 58 -8.34 -0.65 -27.10
N VAL A 59 -8.82 -0.13 -28.24
CA VAL A 59 -10.10 -0.58 -28.80
C VAL A 59 -9.98 -0.62 -30.37
N PRO A 60 -10.89 -1.32 -31.06
CA PRO A 60 -10.96 -1.17 -32.57
C PRO A 60 -11.21 0.28 -32.91
N ALA A 61 -10.80 0.71 -34.11
CA ALA A 61 -10.88 2.12 -34.50
C ALA A 61 -12.27 2.63 -34.45
N LEU A 62 -13.23 1.80 -34.78
CA LEU A 62 -14.63 2.26 -34.80
C LEU A 62 -15.19 2.63 -33.41
N GLU A 63 -14.51 2.18 -32.35
CA GLU A 63 -15.05 2.47 -30.99
C GLU A 63 -14.32 3.68 -30.35
N VAL A 64 -13.29 4.21 -31.00
CA VAL A 64 -12.39 5.21 -30.39
C VAL A 64 -13.23 6.45 -29.96
N GLU A 65 -14.14 6.90 -30.82
CA GLU A 65 -14.89 8.14 -30.48
C GLU A 65 -15.76 7.97 -29.20
N ARG A 66 -16.53 6.88 -29.15
CA ARG A 66 -17.41 6.60 -28.00
C ARG A 66 -16.56 6.31 -26.74
N ALA A 67 -15.47 5.54 -26.92
CA ALA A 67 -14.64 5.26 -25.78
C ALA A 67 -14.05 6.58 -25.24
N SER A 68 -13.52 7.45 -26.12
CA SER A 68 -12.87 8.68 -25.68
C SER A 68 -13.84 9.63 -24.96
N SER A 69 -15.14 9.58 -25.28
CA SER A 69 -16.06 10.43 -24.55
C SER A 69 -16.55 9.75 -23.30
N THR A 70 -16.29 8.46 -23.13
CA THR A 70 -16.69 7.74 -21.86
C THR A 70 -15.65 7.85 -20.77
N VAL A 71 -14.38 7.82 -21.10
CA VAL A 71 -13.39 7.78 -20.03
C VAL A 71 -12.53 9.00 -20.17
N SER A 72 -11.78 9.38 -19.13
CA SER A 72 -10.96 10.62 -19.24
C SER A 72 -9.50 10.27 -19.48
N PHE A 73 -9.08 8.99 -19.39
CA PHE A 73 -7.66 8.68 -19.62
C PHE A 73 -7.47 8.29 -21.16
N PRO A 74 -6.25 8.10 -21.61
CA PRO A 74 -6.01 7.92 -23.11
C PRO A 74 -6.68 6.64 -23.71
N VAL A 75 -7.15 6.79 -24.94
CA VAL A 75 -7.80 5.74 -25.70
C VAL A 75 -6.93 5.67 -26.99
N VAL A 76 -6.55 4.48 -27.44
CA VAL A 76 -5.85 4.27 -28.72
C VAL A 76 -6.67 3.23 -29.51
N GLY A 77 -6.85 3.45 -30.81
CA GLY A 77 -7.63 2.56 -31.62
C GLY A 77 -6.74 1.87 -32.69
N TYR A 78 -7.25 0.81 -33.33
CA TYR A 78 -6.42 0.21 -34.43
C TYR A 78 -7.35 -0.18 -35.54
N VAL A 79 -6.89 -0.12 -36.81
CA VAL A 79 -7.76 -0.57 -37.88
C VAL A 79 -7.34 -1.96 -38.28
N ASP A 80 -8.18 -2.65 -39.05
CA ASP A 80 -7.99 -4.09 -39.41
C ASP A 80 -6.64 -4.40 -40.06
N SER A 81 -6.09 -3.44 -40.75
CA SER A 81 -4.81 -3.65 -41.40
C SER A 81 -3.63 -3.48 -40.48
N GLU A 82 -3.82 -2.93 -39.25
CA GLU A 82 -2.67 -2.77 -38.34
C GLU A 82 -2.54 -4.01 -37.48
N ASN A 83 -1.34 -4.30 -37.02
CA ASN A 83 -1.16 -5.47 -36.25
C ASN A 83 -1.48 -4.95 -34.73
N PRO A 84 -2.53 -5.49 -34.11
CA PRO A 84 -2.90 -4.91 -32.73
C PRO A 84 -1.74 -5.09 -31.70
N TRP A 85 -1.03 -6.23 -31.70
CA TRP A 85 0.05 -6.43 -30.72
C TRP A 85 1.13 -5.36 -30.85
N GLN A 86 1.55 -5.02 -32.11
CA GLN A 86 2.60 -4.05 -32.26
C GLN A 86 2.08 -2.73 -31.91
N LYS A 87 0.83 -2.48 -32.21
CA LYS A 87 0.30 -1.17 -31.92
C LYS A 87 0.21 -0.96 -30.33
N ILE A 88 -0.17 -2.03 -29.63
CA ILE A 88 -0.28 -1.96 -28.12
C ILE A 88 1.11 -1.73 -27.63
N LYS A 89 2.08 -2.53 -28.10
CA LYS A 89 3.43 -2.38 -27.55
C LYS A 89 4.02 -0.96 -27.71
N HIS A 90 3.71 -0.32 -28.84
CA HIS A 90 4.21 1.06 -29.09
C HIS A 90 3.33 2.04 -28.35
N ALA A 91 2.04 1.75 -28.11
CA ALA A 91 1.26 2.73 -27.37
C ALA A 91 1.55 2.74 -25.83
N LEU A 92 1.97 1.60 -25.28
CA LEU A 92 2.27 1.49 -23.85
C LEU A 92 3.62 2.25 -23.61
N PRO A 93 3.85 2.69 -22.35
CA PRO A 93 5.18 3.26 -22.01
C PRO A 93 6.22 2.18 -22.29
N GLN A 94 7.44 2.60 -22.60
CA GLN A 94 8.48 1.59 -22.91
C GLN A 94 9.14 1.14 -21.64
N LEU A 95 8.47 0.33 -20.80
CA LEU A 95 9.03 0.02 -19.45
C LEU A 95 9.53 -1.41 -19.53
N ASP A 96 10.10 -1.87 -18.46
CA ASP A 96 10.46 -3.27 -18.35
C ASP A 96 9.27 -3.94 -17.62
N PHE A 97 8.39 -4.64 -18.34
CA PHE A 97 7.24 -5.27 -17.67
C PHE A 97 7.67 -6.60 -17.11
N LYS A 98 7.97 -6.71 -15.82
CA LYS A 98 8.36 -8.02 -15.29
C LYS A 98 7.21 -8.83 -14.82
N ARG A 99 6.12 -8.14 -14.39
CA ARG A 99 4.99 -8.90 -13.79
C ARG A 99 3.73 -8.30 -14.28
N VAL A 100 2.88 -9.15 -14.81
CA VAL A 100 1.65 -8.67 -15.45
C VAL A 100 0.52 -9.52 -14.85
N ALA A 101 -0.67 -8.94 -14.66
CA ALA A 101 -1.81 -9.74 -14.25
C ALA A 101 -2.80 -9.75 -15.38
N VAL A 102 -3.43 -10.90 -15.59
CA VAL A 102 -4.48 -11.04 -16.58
C VAL A 102 -5.62 -11.90 -16.05
N GLU A 103 -6.78 -11.83 -16.70
CA GLU A 103 -7.91 -12.58 -16.15
C GLU A 103 -7.91 -14.00 -16.62
N PHE A 104 -7.54 -14.93 -15.73
CA PHE A 104 -7.41 -16.35 -16.15
C PHE A 104 -8.76 -16.90 -16.56
N ASP A 105 -9.87 -16.39 -15.99
CA ASP A 105 -11.18 -16.94 -16.38
C ASP A 105 -11.73 -16.38 -17.69
N ASN A 106 -11.08 -15.40 -18.27
CA ASN A 106 -11.57 -14.86 -19.54
C ASN A 106 -10.54 -14.98 -20.69
N LEU A 107 -9.21 -14.85 -20.44
CA LEU A 107 -8.26 -14.58 -21.53
C LEU A 107 -8.11 -15.93 -22.35
N ILE A 108 -8.43 -15.95 -23.62
CA ILE A 108 -8.19 -17.10 -24.45
C ILE A 108 -6.73 -17.24 -24.91
N LEU A 109 -6.37 -18.45 -25.38
CA LEU A 109 -4.94 -18.64 -25.66
C LEU A 109 -4.42 -17.69 -26.83
N THR A 110 -5.25 -17.41 -27.79
CA THR A 110 -4.73 -16.58 -28.92
C THR A 110 -4.40 -15.19 -28.39
N LYS A 111 -5.22 -14.70 -27.42
CA LYS A 111 -4.85 -13.39 -26.78
C LYS A 111 -3.72 -13.47 -25.83
N TYR A 112 -3.59 -14.57 -25.08
CA TYR A 112 -2.46 -14.72 -24.23
C TYR A 112 -1.15 -14.75 -25.03
N HIS A 113 -1.18 -15.46 -26.17
CA HIS A 113 0.08 -15.49 -26.95
C HIS A 113 0.29 -14.13 -27.55
N GLY A 114 -0.76 -13.41 -27.92
CA GLY A 114 -0.49 -12.05 -28.40
C GLY A 114 0.12 -11.16 -27.31
N LEU A 115 -0.39 -11.24 -26.04
CA LEU A 115 0.20 -10.40 -24.99
C LEU A 115 1.60 -10.79 -24.67
N LYS A 116 1.94 -12.08 -24.85
CA LYS A 116 3.35 -12.48 -24.70
C LYS A 116 4.30 -11.85 -25.75
N THR A 117 3.78 -11.36 -26.87
CA THR A 117 4.70 -10.60 -27.75
C THR A 117 4.78 -9.16 -27.27
N VAL A 118 3.74 -8.70 -26.56
CA VAL A 118 3.80 -7.32 -26.09
C VAL A 118 4.72 -7.34 -24.86
N PHE A 119 4.54 -8.32 -23.93
CA PHE A 119 5.32 -8.41 -22.71
C PHE A 119 6.22 -9.64 -22.77
N GLU A 120 7.35 -9.55 -23.43
CA GLU A 120 8.16 -10.71 -23.80
C GLU A 120 8.84 -11.38 -22.69
N THR A 121 9.15 -10.70 -21.59
CA THR A 121 9.75 -11.48 -20.49
C THR A 121 8.93 -11.38 -19.18
N ALA A 122 7.63 -11.13 -19.22
CA ALA A 122 6.83 -11.00 -17.96
C ALA A 122 6.42 -12.38 -17.40
N GLU A 123 6.27 -12.49 -16.09
CA GLU A 123 5.44 -13.60 -15.51
C GLU A 123 4.00 -13.13 -15.50
N PHE A 124 3.06 -14.06 -15.63
CA PHE A 124 1.62 -13.68 -15.68
C PHE A 124 0.90 -14.15 -14.41
N ASP A 125 0.37 -13.23 -13.60
CA ASP A 125 -0.41 -13.67 -12.42
C ASP A 125 -1.92 -13.58 -12.79
N ASN A 126 -2.79 -14.09 -11.94
CA ASN A 126 -4.22 -14.10 -12.25
C ASN A 126 -4.85 -12.87 -11.55
N LEU A 127 -5.59 -12.05 -12.29
CA LEU A 127 -6.28 -10.89 -11.76
C LEU A 127 -7.74 -11.25 -11.41
N THR A 128 -8.29 -12.35 -11.94
CA THR A 128 -9.73 -12.59 -11.74
C THR A 128 -10.18 -12.53 -10.21
N PRO A 129 -9.48 -13.23 -9.33
CA PRO A 129 -9.99 -13.29 -7.91
C PRO A 129 -9.99 -11.89 -7.35
N ARG A 130 -9.01 -11.04 -7.71
CA ARG A 130 -9.05 -9.67 -7.16
C ARG A 130 -10.30 -8.92 -7.59
N ILE A 131 -10.70 -9.07 -8.84
CA ILE A 131 -11.86 -8.37 -9.33
C ILE A 131 -13.15 -9.04 -8.69
N GLN A 132 -13.20 -10.36 -8.59
CA GLN A 132 -14.35 -10.96 -7.89
C GLN A 132 -14.48 -10.39 -6.42
N ARG A 133 -13.36 -10.20 -5.73
CA ARG A 133 -13.37 -9.59 -4.38
C ARG A 133 -13.88 -8.18 -4.42
N ARG A 135 -16.11 -6.91 -6.32
CA ARG A 135 -17.58 -6.90 -6.44
C ARG A 135 -18.29 -7.21 -5.11
N LEU A 136 -17.58 -7.69 -4.10
CA LEU A 136 -18.17 -7.92 -2.75
C LEU A 136 -18.35 -6.65 -1.95
N ILE A 137 -18.09 -5.47 -2.53
CA ILE A 137 -18.47 -4.12 -1.94
C ILE A 137 -19.35 -3.45 -3.00
N LYS A 138 -20.69 -3.40 -2.78
CA LYS A 138 -21.73 -3.59 -3.89
C LYS A 138 -22.13 -2.37 -4.75
N SER B 5 -19.70 15.29 -16.72
CA SER B 5 -18.87 14.99 -15.54
C SER B 5 -19.48 15.75 -14.33
N LYS B 6 -19.25 15.22 -13.15
CA LYS B 6 -19.44 16.05 -11.93
C LYS B 6 -18.63 17.34 -12.00
N LEU B 7 -17.34 17.24 -12.37
CA LEU B 7 -16.50 18.45 -12.43
C LEU B 7 -17.07 19.47 -13.40
N GLN B 8 -17.63 18.98 -14.51
CA GLN B 8 -18.28 19.84 -15.51
C GLN B 8 -19.47 20.52 -14.91
N GLN B 9 -20.19 19.83 -14.03
CA GLN B 9 -21.31 20.50 -13.35
C GLN B 9 -20.85 21.58 -12.35
N ILE B 10 -19.77 21.32 -11.64
CA ILE B 10 -19.19 22.40 -10.86
C ILE B 10 -18.90 23.65 -11.72
N LEU B 11 -18.28 23.46 -12.91
CA LEU B 11 -18.00 24.59 -13.84
C LEU B 11 -19.18 25.42 -14.19
N THR B 12 -20.31 24.76 -14.50
CA THR B 12 -21.55 25.49 -14.79
C THR B 12 -22.04 26.21 -13.54
N TYR B 13 -21.84 25.58 -12.37
CA TYR B 13 -22.19 26.29 -11.13
C TYR B 13 -21.36 27.57 -10.91
N LEU B 14 -20.05 27.50 -11.17
CA LEU B 14 -19.22 28.69 -10.95
C LEU B 14 -19.72 29.84 -11.85
N GLU B 15 -20.09 29.50 -13.08
CA GLU B 15 -20.56 30.47 -14.09
C GLU B 15 -21.84 31.10 -13.53
N SER B 16 -22.80 30.28 -13.05
CA SER B 16 -24.01 30.91 -12.51
C SER B 16 -23.92 31.64 -11.19
N GLU B 17 -23.00 31.28 -10.30
CA GLU B 17 -22.86 32.04 -9.06
C GLU B 17 -21.74 33.08 -9.11
N LYS B 18 -21.12 33.32 -10.29
CA LYS B 18 -20.06 34.35 -10.40
C LYS B 18 -18.91 34.03 -9.44
N LEU B 19 -18.55 32.74 -9.36
CA LEU B 19 -17.37 32.28 -8.60
C LEU B 19 -16.14 32.21 -9.49
N ASP B 20 -14.97 32.57 -8.95
CA ASP B 20 -13.68 32.34 -9.67
C ASP B 20 -13.16 30.94 -9.40
N VAL B 21 -13.45 30.35 -8.22
CA VAL B 21 -12.94 28.99 -8.01
C VAL B 21 -13.72 28.33 -6.92
N ALA B 22 -13.81 27.00 -6.96
CA ALA B 22 -14.38 26.30 -5.82
C ALA B 22 -13.22 25.51 -5.22
N VAL B 23 -13.09 25.54 -3.90
CA VAL B 23 -11.98 24.95 -3.26
C VAL B 23 -12.63 23.82 -2.44
N VAL B 24 -12.26 22.61 -2.81
CA VAL B 24 -12.78 21.41 -2.17
C VAL B 24 -11.75 20.88 -1.23
N SER B 25 -12.09 20.79 0.06
CA SER B 25 -11.09 20.40 1.10
C SER B 25 -11.43 19.03 1.68
N ASP B 26 -12.67 18.59 1.52
CA ASP B 26 -13.10 17.35 2.23
C ASP B 26 -12.67 16.16 1.31
N PRO B 27 -11.79 15.20 1.80
CA PRO B 27 -11.26 14.09 0.99
C PRO B 27 -12.48 13.25 0.46
N VAL B 28 -13.57 13.24 1.21
CA VAL B 28 -14.80 12.54 0.71
C VAL B 28 -15.38 13.25 -0.49
N THR B 29 -15.47 14.59 -0.49
CA THR B 29 -15.94 15.27 -1.68
C THR B 29 -14.94 15.19 -2.83
N ILE B 30 -13.63 15.29 -2.52
CA ILE B 30 -12.63 15.14 -3.56
C ILE B 30 -12.79 13.81 -4.28
N ASN B 31 -12.98 12.78 -3.53
CA ASN B 31 -13.13 11.40 -4.12
C ASN B 31 -14.42 11.32 -4.96
N TYR B 32 -15.51 11.87 -4.41
CA TYR B 32 -16.80 11.95 -5.20
C TYR B 32 -16.60 12.66 -6.53
N LEU B 33 -15.85 13.77 -6.58
CA LEU B 33 -15.72 14.48 -7.79
C LEU B 33 -14.63 13.91 -8.69
N THR B 34 -13.61 13.20 -8.18
CA THR B 34 -12.47 12.93 -9.08
C THR B 34 -12.12 11.46 -9.14
N GLY B 35 -12.56 10.67 -8.19
CA GLY B 35 -12.16 9.21 -8.12
C GLY B 35 -10.82 9.02 -7.38
N PHE B 36 -10.25 10.11 -6.79
CA PHE B 36 -9.06 9.99 -5.99
C PHE B 36 -9.39 10.16 -4.49
N TYR B 37 -9.06 9.14 -3.72
CA TYR B 37 -9.30 9.17 -2.27
C TYR B 37 -7.97 9.14 -1.52
N SER B 38 -7.76 10.06 -0.58
CA SER B 38 -6.64 9.88 0.33
C SER B 38 -7.04 10.53 1.66
N ASP B 39 -6.53 10.05 2.77
CA ASP B 39 -6.74 10.77 4.02
C ASP B 39 -5.35 11.48 4.31
N PRO B 40 -5.25 12.77 4.14
CA PRO B 40 -3.93 13.35 4.27
C PRO B 40 -3.51 13.61 5.76
N HIS B 41 -4.39 13.29 6.71
CA HIS B 41 -4.18 13.55 8.15
C HIS B 41 -3.89 14.98 8.34
N GLU B 42 -2.69 15.36 8.81
CA GLU B 42 -2.41 16.79 9.09
C GLU B 42 -1.95 17.53 7.85
N ARG B 43 -1.59 16.84 6.76
CA ARG B 43 -1.07 17.57 5.59
C ARG B 43 -2.17 18.21 4.77
N GLN B 44 -1.82 19.13 3.86
CA GLN B 44 -2.81 19.85 3.09
C GLN B 44 -3.16 19.06 1.81
N PHE B 46 -6.18 19.84 -1.46
CA PHE B 46 -7.36 20.56 -1.95
C PHE B 46 -7.52 20.24 -3.44
N LEU B 47 -8.78 20.26 -3.88
CA LEU B 47 -9.04 20.32 -5.30
C LEU B 47 -9.53 21.71 -5.65
N PHE B 48 -8.96 22.35 -6.67
CA PHE B 48 -9.39 23.67 -7.06
C PHE B 48 -10.10 23.54 -8.39
N VAL B 49 -11.39 23.90 -8.43
CA VAL B 49 -12.09 23.85 -9.69
C VAL B 49 -12.14 25.28 -10.11
N LEU B 50 -11.53 25.60 -11.25
CA LEU B 50 -11.37 26.99 -11.70
C LEU B 50 -12.31 27.27 -12.88
N ALA B 51 -12.85 28.48 -12.91
CA ALA B 51 -13.86 28.88 -13.89
C ALA B 51 -13.36 28.65 -15.28
N ASP B 52 -12.14 28.99 -15.57
CA ASP B 52 -11.88 28.85 -17.00
C ASP B 52 -11.07 27.76 -17.54
N GLN B 53 -10.33 27.05 -16.70
CA GLN B 53 -9.40 26.08 -17.20
C GLN B 53 -9.55 24.79 -16.48
N GLU B 54 -8.56 23.93 -16.65
CA GLU B 54 -8.63 22.60 -16.09
C GLU B 54 -8.55 22.73 -14.54
N PRO B 55 -9.12 21.78 -13.80
CA PRO B 55 -8.89 21.82 -12.34
C PRO B 55 -7.41 21.56 -11.92
N LEU B 56 -7.10 21.74 -10.63
CA LEU B 56 -5.74 21.43 -10.12
C LEU B 56 -5.98 20.66 -8.82
N LEU B 57 -5.40 19.49 -8.70
CA LEU B 57 -5.46 18.78 -7.46
C LEU B 57 -4.11 18.96 -6.75
N PHE B 58 -4.16 19.44 -5.53
CA PHE B 58 -2.93 19.79 -4.78
C PHE B 58 -2.82 18.81 -3.65
N VAL B 59 -1.70 18.09 -3.51
CA VAL B 59 -1.64 16.99 -2.57
C VAL B 59 -0.26 16.95 -1.87
N PRO B 60 -0.10 16.20 -0.76
CA PRO B 60 1.26 16.00 -0.21
C PRO B 60 2.10 15.25 -1.31
N ALA B 61 3.41 15.51 -1.30
CA ALA B 61 4.26 14.93 -2.33
C ALA B 61 4.16 13.40 -2.41
N LEU B 62 4.06 12.71 -1.31
CA LEU B 62 3.98 11.24 -1.30
C LEU B 62 2.74 10.73 -2.14
N GLU B 63 1.72 11.55 -2.31
CA GLU B 63 0.51 11.15 -3.10
C GLU B 63 0.57 11.54 -4.58
N VAL B 64 1.61 12.25 -5.04
CA VAL B 64 1.49 12.86 -6.37
C VAL B 64 1.42 11.76 -7.41
N GLU B 65 2.24 10.72 -7.27
CA GLU B 65 2.25 9.73 -8.37
C GLU B 65 0.87 8.98 -8.45
N ARG B 66 0.33 8.54 -7.31
CA ARG B 66 -0.98 7.84 -7.30
C ARG B 66 -2.10 8.74 -7.75
N ALA B 67 -2.10 9.98 -7.31
CA ALA B 67 -3.10 10.91 -7.74
C ALA B 67 -3.02 11.19 -9.24
N SER B 68 -1.81 11.41 -9.74
CA SER B 68 -1.56 11.71 -11.23
C SER B 68 -2.03 10.50 -12.10
N SER B 69 -1.94 9.30 -11.54
CA SER B 69 -2.32 8.07 -12.27
C SER B 69 -3.86 7.98 -12.24
N THR B 70 -4.47 8.62 -11.27
CA THR B 70 -5.92 8.46 -11.00
C THR B 70 -6.67 9.45 -11.77
N VAL B 71 -6.23 10.72 -11.83
CA VAL B 71 -6.89 11.74 -12.56
C VAL B 71 -6.19 12.18 -13.83
N SER B 72 -6.93 12.82 -14.69
CA SER B 72 -6.28 13.27 -15.92
C SER B 72 -5.90 14.76 -15.99
N PHE B 73 -6.23 15.55 -14.98
CA PHE B 73 -5.87 16.97 -15.06
C PHE B 73 -4.63 17.19 -14.14
N PRO B 74 -4.11 18.41 -14.06
CA PRO B 74 -2.82 18.55 -13.37
C PRO B 74 -2.85 18.30 -11.83
N VAL B 75 -1.79 17.69 -11.29
CA VAL B 75 -1.62 17.44 -9.90
C VAL B 75 -0.31 18.13 -9.47
N VAL B 76 -0.27 18.81 -8.30
CA VAL B 76 1.00 19.45 -7.82
C VAL B 76 1.15 18.98 -6.40
N GLY B 77 2.35 18.59 -6.00
CA GLY B 77 2.58 18.16 -4.61
C GLY B 77 3.48 19.11 -3.81
N TYR B 78 3.60 18.86 -2.52
CA TYR B 78 4.52 19.68 -1.74
C TYR B 78 5.15 18.81 -0.71
N VAL B 79 6.48 18.99 -0.41
CA VAL B 79 7.07 18.20 0.68
C VAL B 79 6.92 18.92 1.96
N ASP B 80 7.21 18.23 3.06
CA ASP B 80 6.93 18.79 4.39
C ASP B 80 7.77 20.07 4.66
N SER B 81 8.90 20.22 4.01
CA SER B 81 9.63 21.43 4.30
C SER B 81 9.13 22.64 3.45
N GLU B 82 8.20 22.45 2.49
CA GLU B 82 7.73 23.58 1.67
C GLU B 82 6.51 24.18 2.31
N ASN B 83 6.24 25.42 2.01
CA ASN B 83 5.13 26.05 2.64
C ASN B 83 3.89 25.78 1.67
N PRO B 84 2.86 25.09 2.18
CA PRO B 84 1.83 24.68 1.14
C PRO B 84 1.03 25.92 0.63
N TRP B 85 0.77 26.92 1.49
CA TRP B 85 0.01 28.08 1.04
C TRP B 85 0.73 28.82 -0.08
N GLN B 86 2.06 29.01 0.08
CA GLN B 86 2.79 29.63 -1.07
C GLN B 86 2.83 28.74 -2.22
N LYS B 87 2.96 27.44 -1.99
CA LYS B 87 3.01 26.60 -3.19
C LYS B 87 1.68 26.63 -3.98
N ILE B 88 0.57 26.63 -3.22
CA ILE B 88 -0.75 26.75 -3.94
C ILE B 88 -0.86 28.04 -4.72
N LYS B 89 -0.51 29.15 -4.05
CA LYS B 89 -0.64 30.46 -4.66
C LYS B 89 0.18 30.55 -6.01
N HIS B 90 1.40 29.98 -6.03
CA HIS B 90 2.22 29.95 -7.28
C HIS B 90 1.69 28.95 -8.30
N ALA B 91 1.07 27.87 -7.86
CA ALA B 91 0.56 26.84 -8.80
C ALA B 91 -0.75 27.26 -9.45
N LEU B 92 -1.55 28.09 -8.78
CA LEU B 92 -2.81 28.52 -9.36
C LEU B 92 -2.54 29.60 -10.44
N PRO B 93 -3.51 29.87 -11.32
CA PRO B 93 -3.34 30.97 -12.27
C PRO B 93 -3.29 32.25 -11.49
N GLN B 94 -2.59 33.25 -12.02
CA GLN B 94 -2.42 34.52 -11.27
C GLN B 94 -3.60 35.48 -11.54
N LEU B 95 -4.82 35.12 -11.11
CA LEU B 95 -6.05 35.91 -11.37
C LEU B 95 -6.38 36.79 -10.19
N ASP B 96 -7.29 37.72 -10.37
CA ASP B 96 -7.93 38.42 -9.28
C ASP B 96 -9.12 37.53 -8.76
N PHE B 97 -8.91 36.78 -7.67
CA PHE B 97 -9.97 35.87 -7.21
C PHE B 97 -10.88 36.70 -6.31
N LYS B 98 -12.01 37.18 -6.84
CA LYS B 98 -12.92 38.00 -6.05
C LYS B 98 -13.90 37.16 -5.23
N ARG B 99 -14.25 35.97 -5.75
CA ARG B 99 -15.27 35.14 -5.09
C ARG B 99 -14.87 33.68 -5.13
N VAL B 100 -14.79 33.06 -3.96
CA VAL B 100 -14.33 31.68 -3.85
C VAL B 100 -15.41 30.92 -3.08
N ALA B 101 -15.61 29.64 -3.38
CA ALA B 101 -16.54 28.87 -2.56
C ALA B 101 -15.73 27.80 -1.85
N VAL B 102 -16.05 27.60 -0.58
CA VAL B 102 -15.40 26.57 0.18
C VAL B 102 -16.46 25.76 0.91
N GLU B 103 -16.09 24.56 1.38
CA GLU B 103 -17.05 23.73 2.10
C GLU B 103 -17.16 24.13 3.55
N PHE B 104 -18.24 24.87 3.88
CA PHE B 104 -18.34 25.30 5.30
C PHE B 104 -18.45 24.18 6.27
N ASP B 105 -19.01 23.02 5.85
CA ASP B 105 -19.19 21.92 6.76
C ASP B 105 -17.90 21.10 6.98
N ASN B 106 -16.87 21.39 6.23
CA ASN B 106 -15.58 20.61 6.39
C ASN B 106 -14.36 21.49 6.79
N LEU B 107 -14.29 22.69 6.24
CA LEU B 107 -13.05 23.51 6.33
C LEU B 107 -12.80 23.98 7.78
N ILE B 108 -11.68 23.57 8.35
CA ILE B 108 -11.26 24.00 9.69
C ILE B 108 -10.63 25.32 9.62
N LEU B 109 -10.62 26.01 10.76
CA LEU B 109 -10.13 27.34 10.74
C LEU B 109 -8.63 27.51 10.35
N THR B 110 -7.81 26.56 10.76
CA THR B 110 -6.37 26.64 10.31
C THR B 110 -6.30 26.72 8.78
N LYS B 111 -7.14 25.90 8.11
CA LYS B 111 -7.14 25.93 6.60
C LYS B 111 -7.78 27.15 6.04
N TYR B 112 -8.83 27.64 6.69
CA TYR B 112 -9.49 28.85 6.19
C TYR B 112 -8.49 30.04 6.28
N HIS B 113 -7.80 30.14 7.40
CA HIS B 113 -6.75 31.20 7.46
C HIS B 113 -5.66 31.02 6.45
N GLY B 114 -5.24 29.78 6.19
CA GLY B 114 -4.24 29.55 5.15
C GLY B 114 -4.77 29.94 3.78
N LEU B 115 -6.06 29.60 3.46
CA LEU B 115 -6.58 30.01 2.16
C LEU B 115 -6.74 31.52 2.07
N LYS B 116 -7.02 32.17 3.18
CA LYS B 116 -7.02 33.64 3.08
C LYS B 116 -5.63 34.27 2.74
N THR B 117 -4.52 33.56 2.96
CA THR B 117 -3.23 34.06 2.40
C THR B 117 -3.15 33.79 0.91
N VAL B 118 -3.89 32.79 0.40
CA VAL B 118 -3.84 32.54 -1.05
C VAL B 118 -4.77 33.50 -1.72
N PHE B 119 -5.98 33.67 -1.17
CA PHE B 119 -6.98 34.52 -1.80
C PHE B 119 -7.19 35.75 -0.88
N GLU B 120 -6.32 36.74 -0.99
CA GLU B 120 -6.23 37.77 0.02
C GLU B 120 -7.41 38.72 0.07
N THR B 121 -8.10 38.92 -1.02
CA THR B 121 -9.22 39.87 -0.95
C THR B 121 -10.56 39.20 -1.42
N ALA B 122 -10.69 37.87 -1.35
CA ALA B 122 -11.89 37.18 -1.81
C ALA B 122 -13.00 37.24 -0.78
N GLU B 123 -14.26 37.24 -1.21
CA GLU B 123 -15.33 36.80 -0.30
C GLU B 123 -15.47 35.29 -0.35
N PHE B 124 -15.86 34.65 0.75
CA PHE B 124 -16.07 33.18 0.72
C PHE B 124 -17.54 32.72 0.81
N ASP B 125 -18.06 32.08 -0.24
CA ASP B 125 -19.38 31.46 -0.24
C ASP B 125 -19.29 29.95 0.18
N ASN B 126 -20.43 29.33 0.45
CA ASN B 126 -20.47 27.97 0.96
C ASN B 126 -20.74 27.08 -0.24
N LEU B 127 -19.87 26.10 -0.51
CA LEU B 127 -20.04 25.12 -1.56
C LEU B 127 -20.84 23.90 -1.06
N THR B 128 -20.90 23.63 0.25
CA THR B 128 -21.41 22.34 0.70
C THR B 128 -22.86 22.04 0.15
N PRO B 129 -23.79 23.01 0.17
CA PRO B 129 -25.22 22.64 -0.24
C PRO B 129 -25.27 22.27 -1.68
N ARG B 130 -24.43 22.89 -2.53
CA ARG B 130 -24.39 22.46 -3.90
C ARG B 130 -23.93 21.01 -4.12
N ILE B 131 -22.92 20.59 -3.37
CA ILE B 131 -22.47 19.19 -3.51
C ILE B 131 -23.58 18.25 -2.89
N GLN B 132 -24.20 18.64 -1.80
CA GLN B 132 -25.25 17.81 -1.21
C GLN B 132 -26.38 17.63 -2.28
N ARG B 133 -26.68 18.67 -3.04
CA ARG B 133 -27.77 18.57 -4.04
C ARG B 133 -27.32 17.66 -5.20
N ARG B 135 -25.45 15.04 -4.97
CA ARG B 135 -25.49 13.64 -4.62
C ARG B 135 -26.90 13.05 -4.73
N LEU B 136 -27.90 13.91 -4.82
CA LEU B 136 -29.31 13.38 -4.96
C LEU B 136 -29.55 12.67 -6.23
N ILE B 137 -28.77 12.98 -7.25
CA ILE B 137 -29.03 12.42 -8.56
C ILE B 137 -27.91 11.42 -8.77
N LYS B 138 -28.28 10.17 -8.92
CA LYS B 138 -27.25 9.13 -8.99
C LYS B 138 -26.86 8.94 -10.46
N ALA C 3 9.51 -26.75 28.73
CA ALA C 3 9.70 -25.63 27.75
C ALA C 3 10.09 -26.12 26.33
N SER C 5 9.23 -26.26 22.12
CA SER C 5 8.60 -25.26 21.21
C SER C 5 7.16 -25.75 20.80
N LYS C 6 6.32 -24.81 20.35
CA LYS C 6 4.97 -25.20 19.95
C LYS C 6 4.98 -26.28 18.91
N LEU C 7 5.95 -26.23 17.98
CA LEU C 7 5.97 -27.21 16.87
C LEU C 7 6.35 -28.55 17.36
N GLN C 8 7.23 -28.57 18.37
CA GLN C 8 7.57 -29.83 19.04
C GLN C 8 6.41 -30.49 19.82
N GLN C 9 5.61 -29.67 20.48
CA GLN C 9 4.35 -30.11 21.09
C GLN C 9 3.40 -30.65 20.08
N ILE C 10 3.30 -30.00 18.89
CA ILE C 10 2.50 -30.67 17.87
C ILE C 10 3.05 -32.06 17.53
N LEU C 11 4.38 -32.22 17.44
CA LEU C 11 4.91 -33.58 17.07
C LEU C 11 4.54 -34.66 18.08
N THR C 12 4.56 -34.28 19.35
CA THR C 12 4.19 -35.21 20.43
C THR C 12 2.74 -35.59 20.25
N TYR C 13 1.95 -34.56 19.89
CA TYR C 13 0.55 -34.81 19.70
C TYR C 13 0.30 -35.79 18.56
N LEU C 14 1.04 -35.64 17.46
CA LEU C 14 0.76 -36.54 16.35
C LEU C 14 1.12 -37.97 16.78
N GLU C 15 2.17 -38.08 17.56
CA GLU C 15 2.45 -39.45 18.08
C GLU C 15 1.31 -40.03 18.92
N SER C 16 0.84 -39.31 19.93
CA SER C 16 -0.25 -39.88 20.79
C SER C 16 -1.53 -40.13 20.04
N GLU C 17 -1.83 -39.30 19.03
CA GLU C 17 -3.02 -39.51 18.22
C GLU C 17 -2.88 -40.41 17.01
N LYS C 18 -1.70 -41.02 16.78
CA LYS C 18 -1.51 -41.82 15.55
C LYS C 18 -1.82 -41.05 14.22
N LEU C 19 -1.45 -39.77 14.22
CA LEU C 19 -1.57 -38.87 13.03
C LEU C 19 -0.29 -38.88 12.18
N ASP C 20 -0.44 -38.97 10.86
CA ASP C 20 0.70 -38.79 9.90
C ASP C 20 1.07 -37.34 9.73
N VAL C 21 0.10 -36.42 9.86
CA VAL C 21 0.45 -35.01 9.59
C VAL C 21 -0.66 -34.11 10.11
N ALA C 22 -0.30 -32.93 10.54
CA ALA C 22 -1.28 -31.93 10.94
C ALA C 22 -1.20 -30.84 9.84
N VAL C 23 -2.35 -30.45 9.31
CA VAL C 23 -2.33 -29.45 8.25
C VAL C 23 -2.91 -28.20 8.87
N VAL C 24 -2.12 -27.12 9.00
CA VAL C 24 -2.60 -25.86 9.54
C VAL C 24 -2.93 -24.92 8.32
N SER C 25 -4.19 -24.48 8.19
CA SER C 25 -4.70 -23.66 7.10
C SER C 25 -5.00 -22.27 7.57
N ASP C 26 -5.12 -22.02 8.90
CA ASP C 26 -5.59 -20.67 9.37
C ASP C 26 -4.32 -19.82 9.52
N PRO C 27 -4.21 -18.69 8.77
CA PRO C 27 -3.01 -17.84 8.87
C PRO C 27 -2.75 -17.41 10.31
N VAL C 28 -3.80 -17.21 11.11
CA VAL C 28 -3.57 -16.75 12.53
C VAL C 28 -2.88 -17.94 13.32
N THR C 29 -3.30 -19.17 13.02
CA THR C 29 -2.67 -20.31 13.69
C THR C 29 -1.21 -20.48 13.15
N ILE C 30 -1.02 -20.30 11.81
CA ILE C 30 0.33 -20.47 11.30
C ILE C 30 1.25 -19.47 11.97
N ASN C 31 0.79 -18.25 12.15
CA ASN C 31 1.64 -17.21 12.74
C ASN C 31 1.91 -17.55 14.27
N TYR C 32 0.84 -17.96 14.93
CA TYR C 32 1.01 -18.51 16.35
C TYR C 32 2.11 -19.58 16.46
N LEU C 33 2.20 -20.52 15.52
CA LEU C 33 3.11 -21.55 15.63
C LEU C 33 4.54 -21.22 15.09
N THR C 34 4.71 -20.19 14.27
CA THR C 34 5.98 -20.08 13.47
C THR C 34 6.48 -18.67 13.49
N GLY C 35 5.66 -17.72 13.86
CA GLY C 35 6.01 -16.33 13.76
C GLY C 35 5.88 -15.77 12.31
N PHE C 36 5.44 -16.58 11.33
CA PHE C 36 5.15 -16.05 9.95
C PHE C 36 3.66 -15.73 9.78
N TYR C 37 3.33 -14.45 9.66
CA TYR C 37 2.00 -14.05 9.26
C TYR C 37 1.88 -13.60 7.75
N SER C 38 0.88 -14.12 7.06
CA SER C 38 0.54 -13.54 5.72
C SER C 38 -0.97 -13.72 5.54
N ASP C 39 -1.67 -12.73 4.96
CA ASP C 39 -3.01 -13.01 4.52
C ASP C 39 -2.93 -13.47 3.01
N PRO C 40 -3.20 -14.73 2.68
CA PRO C 40 -3.06 -15.15 1.26
C PRO C 40 -4.29 -14.79 0.35
N HIS C 41 -5.36 -14.15 0.90
CA HIS C 41 -6.64 -13.96 0.21
C HIS C 41 -7.08 -15.25 -0.45
N GLU C 42 -7.23 -15.32 -1.79
CA GLU C 42 -7.77 -16.53 -2.38
C GLU C 42 -6.65 -17.57 -2.59
N ARG C 43 -5.37 -17.24 -2.43
CA ARG C 43 -4.33 -18.22 -2.76
C ARG C 43 -4.15 -19.29 -1.65
N GLN C 44 -3.48 -20.39 -1.94
CA GLN C 44 -3.29 -21.46 -0.96
C GLN C 44 -2.09 -21.19 -0.13
N PHE C 46 -0.41 -23.43 3.47
CA PHE C 46 -0.64 -24.42 4.53
C PHE C 46 0.68 -24.59 5.26
N LEU C 47 0.63 -24.84 6.58
CA LEU C 47 1.85 -25.36 7.25
C LEU C 47 1.63 -26.86 7.50
N PHE C 48 2.54 -27.75 7.05
CA PHE C 48 2.31 -29.18 7.23
C PHE C 48 3.31 -29.63 8.31
N VAL C 49 2.75 -30.10 9.42
CA VAL C 49 3.56 -30.65 10.53
C VAL C 49 3.56 -32.14 10.39
N LEU C 50 4.72 -32.67 10.04
CA LEU C 50 4.81 -34.09 9.69
C LEU C 50 5.34 -34.89 10.88
N ALA C 51 4.99 -36.17 10.97
CA ALA C 51 5.32 -36.95 12.15
C ALA C 51 6.85 -37.15 12.30
N ASP C 52 7.56 -37.52 11.26
CA ASP C 52 8.96 -37.95 11.49
C ASP C 52 10.08 -37.05 10.95
N GLN C 53 9.79 -35.75 10.79
CA GLN C 53 10.47 -34.96 9.76
C GLN C 53 10.23 -33.52 10.07
N GLU C 54 11.05 -32.62 9.53
CA GLU C 54 10.83 -31.18 9.72
C GLU C 54 9.48 -30.74 9.01
N PRO C 55 8.88 -29.68 9.47
CA PRO C 55 7.62 -29.16 8.83
C PRO C 55 7.88 -28.62 7.39
N LEU C 56 6.80 -28.33 6.66
CA LEU C 56 6.93 -27.73 5.31
C LEU C 56 5.92 -26.58 5.33
N LEU C 57 6.39 -25.35 5.15
CA LEU C 57 5.46 -24.24 4.92
C LEU C 57 5.23 -24.02 3.39
N PHE C 58 4.00 -24.14 2.90
CA PHE C 58 3.67 -23.99 1.50
C PHE C 58 2.92 -22.66 1.32
N VAL C 59 3.45 -21.75 0.46
CA VAL C 59 3.00 -20.38 0.36
C VAL C 59 2.87 -19.94 -1.15
N PRO C 60 2.12 -18.88 -1.43
CA PRO C 60 2.18 -18.32 -2.81
C PRO C 60 3.65 -17.83 -3.10
N ALA C 61 4.04 -17.88 -4.37
CA ALA C 61 5.44 -17.51 -4.76
C ALA C 61 5.83 -16.19 -4.22
N LEU C 62 4.96 -15.20 -4.23
CA LEU C 62 5.40 -13.93 -3.70
C LEU C 62 5.84 -13.92 -2.22
N GLU C 63 5.42 -14.94 -1.44
CA GLU C 63 5.73 -14.90 0.00
C GLU C 63 6.97 -15.73 0.32
N VAL C 64 7.52 -16.41 -0.67
CA VAL C 64 8.54 -17.42 -0.42
C VAL C 64 9.76 -16.77 0.24
N GLU C 65 10.17 -15.61 -0.24
CA GLU C 65 11.38 -14.99 0.33
C GLU C 65 11.22 -14.57 1.83
N ARG C 66 10.16 -13.83 2.14
CA ARG C 66 9.89 -13.46 3.51
C ARG C 66 9.64 -14.69 4.42
N ALA C 67 8.95 -15.71 3.92
CA ALA C 67 8.75 -16.92 4.70
C ALA C 67 10.08 -17.62 5.00
N SER C 68 10.89 -17.79 3.96
CA SER C 68 12.21 -18.43 4.02
C SER C 68 13.11 -17.74 5.05
N SER C 69 12.99 -16.44 5.22
CA SER C 69 13.86 -15.84 6.19
C SER C 69 13.20 -15.75 7.58
N THR C 70 11.93 -16.19 7.70
CA THR C 70 11.23 -16.19 9.00
C THR C 70 11.40 -17.55 9.68
N VAL C 71 11.35 -18.62 8.93
CA VAL C 71 11.40 -19.92 9.50
C VAL C 71 12.62 -20.66 9.01
N SER C 72 13.03 -21.68 9.74
CA SER C 72 14.27 -22.34 9.36
C SER C 72 14.02 -23.70 8.78
N PHE C 73 12.78 -24.17 8.73
CA PHE C 73 12.51 -25.39 7.95
C PHE C 73 12.08 -25.00 6.48
N PRO C 74 11.98 -25.98 5.58
CA PRO C 74 11.73 -25.85 4.14
C PRO C 74 10.37 -25.07 3.80
N VAL C 75 10.46 -24.13 2.84
CA VAL C 75 9.35 -23.32 2.31
C VAL C 75 9.26 -23.70 0.83
N VAL C 76 8.05 -23.97 0.29
CA VAL C 76 7.85 -24.23 -1.14
C VAL C 76 6.76 -23.19 -1.59
N GLY C 77 6.96 -22.53 -2.74
CA GLY C 77 6.04 -21.55 -3.27
C GLY C 77 5.39 -22.11 -4.51
N TYR C 78 4.26 -21.50 -4.92
CA TYR C 78 3.71 -21.86 -6.19
C TYR C 78 3.29 -20.58 -6.88
N VAL C 79 3.37 -20.56 -8.23
CA VAL C 79 2.87 -19.40 -8.95
C VAL C 79 1.42 -19.68 -9.43
N ASP C 80 0.71 -18.63 -9.91
CA ASP C 80 -0.69 -18.78 -10.23
C ASP C 80 -0.99 -19.76 -11.33
N SER C 81 -0.05 -19.93 -12.25
CA SER C 81 -0.31 -20.93 -13.28
C SER C 81 -0.02 -22.38 -12.79
N GLU C 82 0.63 -22.62 -11.65
CA GLU C 82 0.79 -24.03 -11.17
C GLU C 82 -0.41 -24.52 -10.35
N ASN C 83 -0.64 -25.80 -10.32
CA ASN C 83 -1.75 -26.35 -9.62
C ASN C 83 -1.22 -26.59 -8.19
N PRO C 84 -1.80 -25.87 -7.22
CA PRO C 84 -1.19 -25.98 -5.85
C PRO C 84 -1.35 -27.41 -5.25
N TRP C 85 -2.40 -28.13 -5.53
CA TRP C 85 -2.61 -29.44 -4.95
C TRP C 85 -1.55 -30.40 -5.47
N GLN C 86 -1.29 -30.35 -6.78
CA GLN C 86 -0.20 -31.24 -7.35
C GLN C 86 1.15 -30.84 -6.81
N LYS C 87 1.40 -29.54 -6.61
CA LYS C 87 2.69 -29.11 -6.11
C LYS C 87 2.88 -29.54 -4.61
N ILE C 88 1.79 -29.50 -3.82
CA ILE C 88 1.90 -29.91 -2.39
C ILE C 88 2.23 -31.42 -2.35
N LYS C 89 1.50 -32.18 -3.13
CA LYS C 89 1.59 -33.59 -3.13
C LYS C 89 3.01 -34.05 -3.55
N HIS C 90 3.62 -33.31 -4.48
CA HIS C 90 5.01 -33.62 -4.87
C HIS C 90 6.01 -33.09 -3.89
N ALA C 91 5.72 -32.00 -3.20
CA ALA C 91 6.64 -31.49 -2.22
C ALA C 91 6.67 -32.26 -0.91
N LEU C 92 5.56 -32.90 -0.52
CA LEU C 92 5.51 -33.64 0.77
C LEU C 92 6.24 -34.97 0.56
N PRO C 93 6.68 -35.61 1.65
CA PRO C 93 7.21 -36.98 1.51
C PRO C 93 6.18 -37.90 0.94
N GLN C 94 6.63 -38.89 0.17
CA GLN C 94 5.74 -39.84 -0.49
C GLN C 94 5.31 -40.95 0.49
N LEU C 95 4.71 -40.55 1.62
CA LEU C 95 4.24 -41.50 2.64
C LEU C 95 2.85 -42.03 2.37
N ASP C 96 2.40 -42.98 3.17
CA ASP C 96 1.04 -43.44 3.10
C ASP C 96 0.32 -42.61 4.19
N PHE C 97 -0.37 -41.54 3.80
CA PHE C 97 -1.01 -40.72 4.82
C PHE C 97 -2.36 -41.33 5.18
N LYS C 98 -2.47 -41.99 6.32
CA LYS C 98 -3.71 -42.67 6.60
C LYS C 98 -4.55 -41.76 7.52
N ARG C 99 -3.89 -40.97 8.33
CA ARG C 99 -4.66 -40.12 9.29
C ARG C 99 -4.09 -38.70 9.29
N VAL C 100 -4.96 -37.73 9.03
CA VAL C 100 -4.50 -36.34 8.88
C VAL C 100 -5.31 -35.44 9.79
N ALA C 101 -4.73 -34.41 10.44
CA ALA C 101 -5.58 -33.56 11.22
C ALA C 101 -5.66 -32.20 10.48
N VAL C 102 -6.89 -31.64 10.37
CA VAL C 102 -7.11 -30.26 9.82
C VAL C 102 -7.97 -29.39 10.81
N GLU C 103 -7.94 -28.07 10.64
CA GLU C 103 -8.65 -27.20 11.55
C GLU C 103 -10.08 -27.15 11.07
N PHE C 104 -10.94 -27.84 11.80
CA PHE C 104 -12.38 -27.89 11.41
C PHE C 104 -12.98 -26.51 11.40
N ASP C 105 -12.48 -25.63 12.26
CA ASP C 105 -13.10 -24.34 12.36
C ASP C 105 -12.63 -23.34 11.34
N ASN C 106 -11.64 -23.71 10.53
CA ASN C 106 -11.08 -22.72 9.53
C ASN C 106 -11.21 -23.25 8.09
N LEU C 107 -11.01 -24.57 7.90
CA LEU C 107 -10.88 -25.15 6.57
C LEU C 107 -12.17 -25.11 5.72
N ILE C 108 -12.18 -24.40 4.60
CA ILE C 108 -13.36 -24.32 3.78
C ILE C 108 -13.44 -25.49 2.86
N LEU C 109 -14.63 -25.78 2.36
CA LEU C 109 -14.80 -26.94 1.57
C LEU C 109 -13.91 -27.00 0.32
N THR C 110 -13.63 -25.86 -0.26
CA THR C 110 -12.79 -25.87 -1.52
C THR C 110 -11.41 -26.45 -1.16
N LYS C 111 -10.93 -26.05 0.00
CA LYS C 111 -9.59 -26.51 0.46
C LYS C 111 -9.62 -27.97 0.98
N TYR C 112 -10.72 -28.39 1.62
CA TYR C 112 -10.90 -29.78 2.06
C TYR C 112 -10.86 -30.67 0.79
N HIS C 113 -11.65 -30.33 -0.24
CA HIS C 113 -11.62 -31.12 -1.47
C HIS C 113 -10.23 -31.10 -2.10
N GLY C 114 -9.54 -29.97 -2.08
CA GLY C 114 -8.16 -29.91 -2.60
C GLY C 114 -7.26 -30.90 -1.80
N LEU C 115 -7.29 -30.82 -0.48
CA LEU C 115 -6.48 -31.72 0.33
C LEU C 115 -6.84 -33.18 0.14
N LYS C 116 -8.09 -33.49 -0.18
CA LYS C 116 -8.42 -34.86 -0.48
C LYS C 116 -7.80 -35.41 -1.75
N THR C 117 -7.32 -34.51 -2.62
CA THR C 117 -6.54 -34.89 -3.82
C THR C 117 -5.12 -35.19 -3.39
N VAL C 118 -4.66 -34.49 -2.36
CA VAL C 118 -3.33 -34.69 -1.87
C VAL C 118 -3.26 -36.00 -1.02
N PHE C 119 -4.26 -36.23 -0.14
CA PHE C 119 -4.29 -37.36 0.78
C PHE C 119 -5.51 -38.17 0.40
N GLU C 120 -5.40 -39.01 -0.63
CA GLU C 120 -6.55 -39.61 -1.23
C GLU C 120 -7.20 -40.70 -0.41
N THR C 121 -6.52 -41.25 0.57
CA THR C 121 -7.25 -42.26 1.33
C THR C 121 -7.23 -41.95 2.85
N ALA C 122 -6.94 -40.70 3.27
CA ALA C 122 -6.78 -40.41 4.70
C ALA C 122 -8.16 -40.28 5.35
N GLU C 123 -8.20 -40.42 6.65
CA GLU C 123 -9.39 -39.95 7.35
C GLU C 123 -8.93 -38.64 7.97
N PHE C 124 -9.86 -37.70 8.15
CA PHE C 124 -9.48 -36.37 8.66
C PHE C 124 -10.00 -36.11 10.10
N ASP C 125 -9.12 -35.84 11.07
CA ASP C 125 -9.45 -35.58 12.46
C ASP C 125 -9.39 -34.06 12.64
N ASN C 126 -9.91 -33.55 13.75
CA ASN C 126 -9.97 -32.08 14.01
C ASN C 126 -8.80 -31.66 14.85
N LEU C 127 -8.01 -30.74 14.34
CA LEU C 127 -6.84 -30.18 15.03
C LEU C 127 -7.21 -29.00 15.89
N THR C 128 -8.36 -28.35 15.64
CA THR C 128 -8.63 -27.04 16.30
C THR C 128 -8.62 -27.13 17.87
N PRO C 129 -9.25 -28.16 18.47
CA PRO C 129 -9.29 -28.11 20.01
C PRO C 129 -7.85 -28.24 20.56
N ARG C 130 -7.01 -28.99 19.91
CA ARG C 130 -5.65 -29.10 20.39
C ARG C 130 -4.91 -27.77 20.39
N ILE C 131 -5.08 -26.97 19.34
CA ILE C 131 -4.46 -25.64 19.34
C ILE C 131 -5.11 -24.71 20.37
N GLN C 132 -6.42 -24.78 20.51
CA GLN C 132 -7.08 -23.94 21.51
C GLN C 132 -6.48 -24.27 22.95
N ARG C 133 -6.29 -25.56 23.22
CA ARG C 133 -5.67 -26.03 24.52
C ARG C 133 -4.25 -25.48 24.69
N ARG C 135 -3.18 -22.67 23.55
CA ARG C 135 -3.13 -21.23 23.83
C ARG C 135 -3.39 -20.91 25.32
N LEU C 136 -3.82 -21.90 26.09
CA LEU C 136 -4.13 -21.65 27.53
C LEU C 136 -2.87 -21.41 28.32
N ILE C 137 -1.76 -21.98 27.86
CA ILE C 137 -0.49 -21.92 28.50
C ILE C 137 0.37 -20.86 27.85
N LYS C 138 0.58 -19.83 28.66
CA LYS C 138 1.53 -18.75 28.49
C LYS C 138 2.86 -19.32 27.90
N SER D 5 2.60 -1.74 21.05
CA SER D 5 3.42 -0.76 21.82
C SER D 5 3.64 0.54 20.95
N LYS D 6 4.06 1.61 21.61
CA LYS D 6 4.29 2.85 20.90
C LYS D 6 5.33 2.67 19.82
N LEU D 7 6.41 1.93 20.12
CA LEU D 7 7.45 1.71 19.12
C LEU D 7 6.92 0.92 17.97
N GLN D 8 6.04 -0.03 18.26
CA GLN D 8 5.34 -0.77 17.20
C GLN D 8 4.48 0.08 16.32
N GLN D 9 3.71 0.96 16.92
CA GLN D 9 2.95 1.91 16.12
C GLN D 9 3.83 2.79 15.22
N ILE D 10 4.99 3.25 15.75
CA ILE D 10 5.98 3.91 14.86
C ILE D 10 6.43 3.02 13.71
N LEU D 11 6.70 1.75 14.01
CA LEU D 11 7.06 0.80 12.91
C LEU D 11 6.06 0.70 11.79
N THR D 12 4.78 0.64 12.14
CA THR D 12 3.66 0.58 11.16
C THR D 12 3.59 1.86 10.33
N TYR D 13 3.81 2.98 11.05
CA TYR D 13 3.88 4.26 10.43
C TYR D 13 5.04 4.30 9.44
N LEU D 14 6.24 3.82 9.84
CA LEU D 14 7.32 3.87 8.86
C LEU D 14 6.98 3.09 7.56
N GLU D 15 6.29 1.96 7.70
CA GLU D 15 5.96 1.19 6.47
C GLU D 15 4.95 1.95 5.59
N SER D 16 3.89 2.47 6.21
CA SER D 16 2.90 3.28 5.40
C SER D 16 3.47 4.53 4.73
N GLU D 17 4.45 5.18 5.38
CA GLU D 17 4.96 6.43 4.82
C GLU D 17 6.24 6.20 4.05
N LYS D 18 6.66 4.91 3.90
CA LYS D 18 7.87 4.58 3.15
C LYS D 18 9.11 5.29 3.75
N LEU D 19 9.20 5.31 5.07
CA LEU D 19 10.36 5.92 5.77
C LEU D 19 11.34 4.79 6.11
N ASP D 20 12.62 5.10 6.06
CA ASP D 20 13.71 4.15 6.49
C ASP D 20 13.98 4.28 7.96
N VAL D 21 13.73 5.46 8.57
CA VAL D 21 13.96 5.60 10.00
C VAL D 21 13.23 6.82 10.53
N ALA D 22 12.86 6.79 11.78
CA ALA D 22 12.33 7.99 12.42
C ALA D 22 13.39 8.37 13.47
N VAL D 23 13.78 9.64 13.48
CA VAL D 23 14.76 10.11 14.45
C VAL D 23 14.07 10.97 15.45
N VAL D 24 14.06 10.52 16.68
CA VAL D 24 13.44 11.23 17.72
C VAL D 24 14.55 11.99 18.49
N SER D 25 14.41 13.32 18.61
CA SER D 25 15.43 14.17 19.24
C SER D 25 14.90 14.80 20.52
N ASP D 26 13.57 14.89 20.74
CA ASP D 26 13.09 15.61 21.85
C ASP D 26 13.16 14.67 23.07
N PRO D 27 13.88 15.07 24.16
CA PRO D 27 13.94 14.20 25.34
C PRO D 27 12.51 13.83 25.89
N VAL D 28 11.56 14.76 25.80
CA VAL D 28 10.16 14.53 26.27
C VAL D 28 9.53 13.44 25.37
N THR D 29 9.71 13.50 24.05
CA THR D 29 9.19 12.44 23.17
C THR D 29 9.93 11.13 23.41
N ILE D 30 11.26 11.17 23.60
CA ILE D 30 11.94 9.90 23.84
C ILE D 30 11.44 9.26 25.13
N ASN D 31 11.23 10.04 26.17
CA ASN D 31 10.71 9.48 27.42
C ASN D 31 9.26 8.90 27.22
N TYR D 32 8.43 9.66 26.49
CA TYR D 32 7.07 9.13 26.06
C TYR D 32 7.16 7.77 25.38
N LEU D 33 8.05 7.55 24.43
CA LEU D 33 8.16 6.35 23.71
C LEU D 33 8.88 5.16 24.50
N THR D 34 9.72 5.47 25.51
CA THR D 34 10.66 4.45 26.00
C THR D 34 10.65 4.37 27.50
N GLY D 35 10.21 5.38 28.22
CA GLY D 35 10.37 5.41 29.63
C GLY D 35 11.77 5.93 30.11
N PHE D 36 12.65 6.27 29.17
CA PHE D 36 13.94 6.85 29.53
C PHE D 36 13.96 8.35 29.39
N TYR D 37 14.11 9.04 30.51
CA TYR D 37 14.22 10.48 30.50
C TYR D 37 15.66 10.95 30.89
N SER D 38 16.23 11.82 30.05
CA SER D 38 17.49 12.48 30.36
C SER D 38 17.48 13.89 29.73
N ASP D 39 17.99 14.92 30.41
CA ASP D 39 18.29 16.13 29.73
C ASP D 39 19.79 16.14 29.31
N PRO D 40 20.11 15.97 28.03
CA PRO D 40 21.55 15.90 27.69
C PRO D 40 22.25 17.31 27.60
N HIS D 41 21.51 18.40 27.80
CA HIS D 41 22.01 19.80 27.62
C HIS D 41 22.57 19.98 26.23
N GLU D 42 23.88 20.26 26.09
CA GLU D 42 24.47 20.46 24.75
C GLU D 42 24.85 19.10 24.11
N ARG D 43 24.88 18.01 24.87
CA ARG D 43 25.41 16.74 24.24
C ARG D 43 24.31 16.06 23.36
N GLN D 44 24.69 15.17 22.46
CA GLN D 44 23.76 14.58 21.49
C GLN D 44 23.04 13.39 22.11
N PHE D 46 19.70 10.68 20.60
CA PHE D 46 18.65 10.47 19.61
C PHE D 46 18.15 9.04 19.85
N LEU D 47 16.83 8.86 19.64
CA LEU D 47 16.29 7.49 19.49
C LEU D 47 16.05 7.23 18.04
N PHE D 48 16.60 6.17 17.46
CA PHE D 48 16.40 5.92 16.04
C PHE D 48 15.47 4.72 15.90
N VAL D 49 14.34 4.93 15.26
CA VAL D 49 13.36 3.81 15.07
C VAL D 49 13.51 3.38 13.66
N LEU D 50 14.00 2.16 13.46
CA LEU D 50 14.40 1.72 12.12
C LEU D 50 13.30 0.77 11.61
N ALA D 51 13.20 0.64 10.31
CA ALA D 51 12.05 -0.05 9.72
C ALA D 51 12.13 -1.57 9.96
N ASP D 52 13.32 -2.16 9.95
CA ASP D 52 13.34 -3.63 10.10
C ASP D 52 14.18 -4.24 11.14
N GLN D 53 14.59 -3.46 12.13
CA GLN D 53 15.24 -4.05 13.26
C GLN D 53 14.83 -3.30 14.47
N GLU D 54 15.42 -3.68 15.57
CA GLU D 54 15.06 -3.03 16.78
C GLU D 54 15.64 -1.57 16.75
N PRO D 55 15.15 -0.73 17.61
CA PRO D 55 15.56 0.69 17.65
C PRO D 55 16.99 0.80 18.22
N LEU D 56 17.58 1.99 18.13
CA LEU D 56 18.93 2.24 18.73
C LEU D 56 18.82 3.51 19.55
N LEU D 57 19.04 3.46 20.88
CA LEU D 57 19.08 4.66 21.64
C LEU D 57 20.58 5.19 21.73
N PHE D 58 20.84 6.39 21.21
CA PHE D 58 22.22 6.92 21.17
C PHE D 58 22.30 8.02 22.19
N VAL D 59 23.21 7.90 23.17
CA VAL D 59 23.24 8.81 24.31
C VAL D 59 24.71 9.27 24.66
N PRO D 60 24.84 10.30 25.51
CA PRO D 60 26.23 10.54 26.03
C PRO D 60 26.69 9.37 26.94
N ALA D 61 28.00 9.14 26.95
CA ALA D 61 28.60 7.98 27.70
C ALA D 61 28.13 7.94 29.13
N LEU D 62 27.97 9.07 29.78
CA LEU D 62 27.56 9.01 31.19
C LEU D 62 26.17 8.42 31.35
N GLU D 63 25.36 8.38 30.27
CA GLU D 63 23.96 7.95 30.42
C GLU D 63 23.79 6.46 30.03
N VAL D 64 24.84 5.83 29.49
CA VAL D 64 24.73 4.50 28.88
C VAL D 64 24.19 3.47 29.93
N GLU D 65 24.65 3.57 31.16
CA GLU D 65 24.26 2.58 32.16
C GLU D 65 22.77 2.59 32.49
N ARG D 66 22.28 3.76 32.93
CA ARG D 66 20.87 3.97 33.18
C ARG D 66 20.04 3.74 31.91
N ALA D 67 20.46 4.21 30.73
CA ALA D 67 19.67 3.90 29.52
C ALA D 67 19.53 2.37 29.29
N SER D 68 20.67 1.67 29.32
CA SER D 68 20.74 0.20 29.14
C SER D 68 19.85 -0.61 30.10
N SER D 69 19.74 -0.16 31.31
CA SER D 69 18.89 -0.83 32.19
C SER D 69 17.40 -0.29 32.17
N THR D 70 17.11 0.72 31.35
CA THR D 70 15.72 1.17 31.13
C THR D 70 15.15 0.54 29.83
N VAL D 71 15.92 0.32 28.80
CA VAL D 71 15.27 -0.19 27.65
C VAL D 71 15.91 -1.51 27.30
N SER D 72 15.24 -2.29 26.44
CA SER D 72 15.84 -3.57 26.08
C SER D 72 16.51 -3.63 24.73
N PHE D 73 16.44 -2.58 23.91
CA PHE D 73 17.08 -2.67 22.61
C PHE D 73 18.47 -1.99 22.73
N PRO D 74 19.29 -2.05 21.69
CA PRO D 74 20.70 -1.58 21.83
C PRO D 74 20.80 -0.05 22.27
N VAL D 75 21.77 0.27 23.14
CA VAL D 75 22.14 1.64 23.56
C VAL D 75 23.63 1.80 23.18
N VAL D 76 24.01 2.86 22.45
CA VAL D 76 25.39 3.19 22.13
C VAL D 76 25.69 4.58 22.77
N GLY D 77 26.88 4.75 23.37
CA GLY D 77 27.27 5.99 24.10
C GLY D 77 28.41 6.64 23.35
N TYR D 78 28.68 7.94 23.59
CA TYR D 78 29.86 8.51 23.03
C TYR D 78 30.47 9.46 24.10
N VAL D 79 31.80 9.57 24.12
CA VAL D 79 32.40 10.47 25.10
C VAL D 79 32.72 11.74 24.35
N ASP D 80 33.10 12.77 25.10
CA ASP D 80 33.25 14.10 24.48
C ASP D 80 34.26 14.22 23.41
N SER D 81 35.32 13.44 23.50
CA SER D 81 36.32 13.53 22.41
C SER D 81 35.94 12.74 21.12
N GLU D 82 34.85 11.97 21.15
CA GLU D 82 34.39 11.24 19.92
C GLU D 82 33.48 12.13 19.08
N ASN D 83 33.53 12.03 17.77
CA ASN D 83 32.64 12.78 16.98
C ASN D 83 31.23 12.02 16.98
N PRO D 84 30.19 12.67 17.51
CA PRO D 84 28.92 11.84 17.57
C PRO D 84 28.31 11.53 16.21
N TRP D 85 28.44 12.38 15.21
CA TRP D 85 27.88 12.12 13.89
C TRP D 85 28.49 10.86 13.25
N GLN D 86 29.83 10.74 13.39
CA GLN D 86 30.51 9.55 12.90
C GLN D 86 30.16 8.34 13.67
N LYS D 87 30.06 8.43 14.98
CA LYS D 87 29.72 7.31 15.77
C LYS D 87 28.27 6.84 15.48
N ILE D 88 27.34 7.82 15.32
CA ILE D 88 25.94 7.40 14.97
C ILE D 88 25.96 6.65 13.64
N LYS D 89 26.64 7.20 12.65
CA LYS D 89 26.68 6.65 11.34
C LYS D 89 27.22 5.21 11.30
N HIS D 90 28.25 4.96 12.12
CA HIS D 90 28.82 3.59 12.28
C HIS D 90 27.95 2.72 13.08
N ALA D 91 27.24 3.25 14.08
CA ALA D 91 26.37 2.39 14.87
C ALA D 91 25.07 1.93 14.16
N LEU D 92 24.60 2.69 13.20
CA LEU D 92 23.32 2.37 12.54
C LEU D 92 23.65 1.28 11.48
N PRO D 93 22.62 0.57 10.97
CA PRO D 93 22.92 -0.37 9.86
C PRO D 93 23.36 0.40 8.65
N GLN D 94 24.05 -0.27 7.74
CA GLN D 94 24.62 0.42 6.59
C GLN D 94 23.67 0.46 5.39
N LEU D 95 22.47 1.03 5.58
CA LEU D 95 21.41 1.09 4.58
C LEU D 95 21.50 2.31 3.66
N ASP D 96 20.69 2.29 2.61
CA ASP D 96 20.50 3.45 1.82
C ASP D 96 19.32 4.16 2.49
N PHE D 97 19.60 5.13 3.37
CA PHE D 97 18.52 5.93 3.96
C PHE D 97 17.99 6.95 2.94
N LYS D 98 16.86 6.66 2.32
CA LYS D 98 16.28 7.64 1.36
C LYS D 98 15.31 8.60 2.01
N ARG D 99 14.60 8.15 3.02
CA ARG D 99 13.55 8.95 3.64
C ARG D 99 13.66 8.79 5.15
N VAL D 100 13.79 9.94 5.82
CA VAL D 100 13.97 9.95 7.24
C VAL D 100 12.91 10.93 7.81
N ALA D 101 12.35 10.65 8.95
CA ALA D 101 11.47 11.61 9.54
C ALA D 101 12.15 12.15 10.80
N VAL D 102 11.98 13.48 11.03
CA VAL D 102 12.50 14.07 12.27
C VAL D 102 11.47 15.02 12.86
N GLU D 103 11.65 15.40 14.11
CA GLU D 103 10.66 16.24 14.77
C GLU D 103 10.88 17.71 14.39
N PHE D 104 10.08 18.23 13.46
CA PHE D 104 10.27 19.65 13.04
C PHE D 104 10.12 20.64 14.21
N ASP D 105 9.32 20.32 15.22
CA ASP D 105 9.07 21.29 16.27
C ASP D 105 10.21 21.25 17.33
N ASN D 106 11.12 20.32 17.24
CA ASN D 106 12.16 20.21 18.29
C ASN D 106 13.57 20.37 17.69
N LEU D 107 13.78 19.88 16.46
CA LEU D 107 15.13 19.67 15.95
C LEU D 107 15.78 21.02 15.60
N ILE D 108 16.88 21.38 16.26
CA ILE D 108 17.57 22.64 15.89
C ILE D 108 18.47 22.50 14.70
N LEU D 109 18.86 23.60 14.08
CA LEU D 109 19.61 23.49 12.85
C LEU D 109 20.99 22.82 13.06
N THR D 110 21.65 23.02 14.20
CA THR D 110 22.98 22.33 14.34
C THR D 110 22.76 20.78 14.33
N LYS D 111 21.67 20.27 14.92
CA LYS D 111 21.40 18.82 14.88
C LYS D 111 20.98 18.35 13.51
N TYR D 112 20.17 19.18 12.82
CA TYR D 112 19.76 18.87 11.46
C TYR D 112 20.97 18.79 10.56
N HIS D 113 21.86 19.78 10.61
CA HIS D 113 23.10 19.62 9.87
C HIS D 113 23.90 18.41 10.29
N GLY D 114 23.97 18.02 11.57
CA GLY D 114 24.76 16.83 11.77
C GLY D 114 24.07 15.58 11.24
N LEU D 115 22.73 15.52 11.31
CA LEU D 115 22.02 14.35 10.75
C LEU D 115 22.16 14.28 9.25
N LYS D 116 22.31 15.40 8.58
CA LYS D 116 22.64 15.39 7.14
C LYS D 116 24.03 14.82 6.81
N THR D 117 24.91 14.73 7.78
CA THR D 117 26.17 14.05 7.61
C THR D 117 25.91 12.58 7.81
N VAL D 118 24.95 12.22 8.66
CA VAL D 118 24.73 10.78 8.89
C VAL D 118 23.98 10.20 7.67
N PHE D 119 23.02 10.97 7.14
CA PHE D 119 22.11 10.50 6.08
C PHE D 119 22.33 11.42 4.93
N GLU D 120 23.39 11.20 4.18
CA GLU D 120 23.79 12.21 3.17
C GLU D 120 22.85 12.40 2.01
N THR D 121 21.99 11.45 1.68
CA THR D 121 21.12 11.80 0.55
C THR D 121 19.63 11.65 0.90
N ALA D 122 19.28 11.57 2.20
CA ALA D 122 17.85 11.44 2.60
C ALA D 122 17.03 12.69 2.34
N GLU D 123 15.72 12.51 2.11
CA GLU D 123 14.83 13.66 2.18
C GLU D 123 14.21 13.61 3.60
N PHE D 124 13.86 14.76 4.16
CA PHE D 124 13.47 14.76 5.57
C PHE D 124 12.00 15.10 5.77
N ASP D 125 11.20 14.19 6.36
CA ASP D 125 9.80 14.43 6.58
C ASP D 125 9.60 14.82 8.08
N ASN D 126 8.46 15.41 8.40
CA ASN D 126 8.10 15.82 9.76
C ASN D 126 7.42 14.69 10.52
N LEU D 127 7.97 14.28 11.67
CA LEU D 127 7.45 13.24 12.54
C LEU D 127 6.57 13.86 13.59
N THR D 128 6.66 15.17 13.89
CA THR D 128 5.93 15.70 15.06
C THR D 128 4.34 15.40 15.03
N PRO D 129 3.70 15.61 13.88
CA PRO D 129 2.16 15.46 13.92
C PRO D 129 1.85 13.98 14.18
N ARG D 130 2.67 13.08 13.70
CA ARG D 130 2.36 11.69 14.03
C ARG D 130 2.42 11.40 15.55
N ILE D 131 3.42 11.94 16.25
CA ILE D 131 3.53 11.74 17.65
C ILE D 131 2.37 12.48 18.35
N GLN D 132 2.03 13.69 17.86
CA GLN D 132 0.90 14.43 18.50
C GLN D 132 -0.42 13.60 18.39
N ARG D 133 -0.61 12.93 17.27
CA ARG D 133 -1.79 12.04 17.07
C ARG D 133 -1.78 10.87 18.03
N ARG D 135 -0.51 10.79 21.01
CA ARG D 135 -0.83 11.14 22.40
C ARG D 135 -2.32 11.29 22.66
N LEU D 136 -3.15 11.33 21.59
CA LEU D 136 -4.61 11.53 21.79
C LEU D 136 -5.27 10.28 22.41
N ILE D 137 -4.62 9.14 22.28
CA ILE D 137 -5.16 7.86 22.66
C ILE D 137 -4.35 7.41 23.85
N LYS D 138 -5.00 7.52 25.03
CA LYS D 138 -4.42 7.15 26.36
C LYS D 138 -3.84 5.70 26.31
#